data_1MHD
#
_entry.id   1MHD
#
_cell.length_a   45.600
_cell.length_b   60.400
_cell.length_c   71.600
_cell.angle_alpha   90.00
_cell.angle_beta   102.00
_cell.angle_gamma   90.00
#
_symmetry.space_group_name_H-M   'P 1 21 1'
#
loop_
_entity.id
_entity.type
_entity.pdbx_description
1 polymer DNA
2 polymer DNA
3 polymer SMAD3
4 water water
#
loop_
_entity_poly.entity_id
_entity_poly.type
_entity_poly.pdbx_seq_one_letter_code
_entity_poly.pdbx_strand_id
1 'polydeoxyribonucleotide' (DC)(DA)(DG)(DT)(DC)(DT)(DA)(DG)(DA)(DC)(DA)(DT)(DA) C
2 'polydeoxyribonucleotide' (DT)(DA)(DT)(DG)(DT)(DC)(DT)(DA)(DG)(DA)(DC)(DT)(DG)(DA) D
3 'polypeptide(L)'
;MSSILPFTPPIVKRLLGWKKGEQNGQEEKWCEKAVKSLVKKLKKTGQLDELEKAITTQNVNTKCITIPRSLDGRLQVSHR
KGLPHVIYCRLWRWPDLHSHHELRAMELCEFAFNMKKDEVCVNPYHYQRVET
;
A,B
#
loop_
_chem_comp.id
_chem_comp.type
_chem_comp.name
_chem_comp.formula
DA DNA linking 2'-DEOXYADENOSINE-5'-MONOPHOSPHATE 'C10 H14 N5 O6 P'
DC DNA linking 2'-DEOXYCYTIDINE-5'-MONOPHOSPHATE 'C9 H14 N3 O7 P'
DG DNA linking 2'-DEOXYGUANOSINE-5'-MONOPHOSPHATE 'C10 H14 N5 O7 P'
DT DNA linking THYMIDINE-5'-MONOPHOSPHATE 'C10 H15 N2 O8 P'
#
# COMPACT_ATOMS: atom_id res chain seq x y z
N PRO C 10 -6.23 20.53 15.42
CA PRO C 10 -6.72 19.97 16.70
C PRO C 10 -5.47 19.43 17.39
N ILE C 11 -5.62 18.33 18.14
CA ILE C 11 -4.53 17.69 18.85
C ILE C 11 -3.26 17.53 17.99
N VAL C 12 -3.44 17.12 16.73
CA VAL C 12 -2.33 16.94 15.77
C VAL C 12 -1.61 18.27 15.52
N LYS C 13 -2.35 19.30 15.15
CA LYS C 13 -1.72 20.58 14.91
C LYS C 13 -0.94 21.03 16.14
N ARG C 14 -1.48 20.73 17.32
CA ARG C 14 -0.84 21.09 18.58
C ARG C 14 0.44 20.29 18.86
N LEU C 15 0.34 18.95 18.89
CA LEU C 15 1.49 18.06 19.12
C LEU C 15 2.59 18.30 18.08
N LEU C 16 2.18 18.64 16.87
CA LEU C 16 3.10 18.95 15.80
C LEU C 16 3.92 20.16 16.23
N GLY C 17 3.22 21.09 16.87
CA GLY C 17 3.82 22.32 17.36
C GLY C 17 5.12 22.07 18.08
N TRP C 18 5.18 21.00 18.85
CA TRP C 18 6.38 20.65 19.57
C TRP C 18 7.27 19.89 18.61
N LYS C 19 7.89 20.65 17.71
CA LYS C 19 8.79 20.13 16.68
C LYS C 19 8.00 19.54 15.49
N LYS C 20 7.47 20.46 14.69
CA LYS C 20 6.68 20.16 13.49
C LYS C 20 7.29 19.08 12.62
N GLY C 21 8.50 19.33 12.11
CA GLY C 21 9.16 18.36 11.25
C GLY C 21 10.34 18.93 10.48
N GLU C 22 11.54 18.45 10.79
CA GLU C 22 12.74 18.92 10.12
C GLU C 22 13.12 18.07 8.92
N GLN C 23 13.49 18.78 7.87
CA GLN C 23 13.90 18.32 6.53
C GLN C 23 13.09 19.23 5.60
N ASN C 24 13.76 19.73 4.58
CA ASN C 24 12.89 20.53 3.63
C ASN C 24 12.03 19.80 2.63
N GLY C 25 10.73 20.14 2.64
CA GLY C 25 9.83 19.53 1.68
C GLY C 25 8.68 18.65 2.12
N GLN C 26 8.55 17.51 1.44
CA GLN C 26 7.51 16.52 1.71
C GLN C 26 7.61 16.04 3.16
N GLU C 27 8.69 16.44 3.82
CA GLU C 27 8.92 16.07 5.20
C GLU C 27 7.90 16.64 6.18
N GLU C 28 7.65 17.94 6.13
CA GLU C 28 6.68 18.52 7.05
C GLU C 28 5.32 17.86 6.90
N LYS C 29 4.96 17.52 5.66
CA LYS C 29 3.69 16.86 5.40
C LYS C 29 3.75 15.43 5.96
N TRP C 30 4.92 14.80 5.85
CA TRP C 30 5.14 13.44 6.34
C TRP C 30 5.07 13.36 7.84
N CYS C 31 5.66 14.34 8.49
CA CYS C 31 5.66 14.41 9.94
C CYS C 31 4.23 14.55 10.41
N GLU C 32 3.40 15.19 9.58
CA GLU C 32 1.99 15.38 9.91
C GLU C 32 1.24 14.07 9.76
N LYS C 33 1.64 13.29 8.76
CA LYS C 33 1.02 11.99 8.54
C LYS C 33 1.45 11.11 9.70
N ALA C 34 2.72 11.23 10.10
CA ALA C 34 3.32 10.44 11.17
C ALA C 34 2.68 10.69 12.49
N VAL C 35 2.22 11.91 12.73
CA VAL C 35 1.56 12.20 14.00
C VAL C 35 0.09 11.76 13.95
N LYS C 36 -0.53 11.84 12.76
CA LYS C 36 -1.90 11.42 12.55
C LYS C 36 -2.06 9.92 12.84
N SER C 37 -1.11 9.09 12.38
CA SER C 37 -1.12 7.63 12.65
C SER C 37 -1.15 7.38 14.16
N LEU C 38 -0.19 8.00 14.85
CA LEU C 38 -0.04 7.87 16.27
C LEU C 38 -1.32 8.27 16.96
N VAL C 39 -1.84 9.45 16.63
CA VAL C 39 -3.04 9.94 17.29
C VAL C 39 -4.24 9.09 17.04
N LYS C 40 -4.36 8.55 15.83
CA LYS C 40 -5.51 7.69 15.52
C LYS C 40 -5.53 6.44 16.39
N LYS C 41 -4.37 5.80 16.50
CA LYS C 41 -4.22 4.59 17.28
C LYS C 41 -4.40 4.88 18.76
N LEU C 42 -3.80 5.96 19.25
CA LEU C 42 -3.93 6.28 20.67
C LEU C 42 -5.37 6.56 21.09
N LYS C 43 -6.15 7.21 20.23
CA LYS C 43 -7.54 7.50 20.53
C LYS C 43 -8.24 6.19 20.85
N LYS C 44 -8.10 5.21 19.94
CA LYS C 44 -8.73 3.92 20.13
C LYS C 44 -8.40 3.27 21.47
N THR C 45 -7.28 3.64 22.06
CA THR C 45 -6.88 3.04 23.34
C THR C 45 -6.78 4.01 24.49
N GLY C 46 -7.23 5.23 24.28
CA GLY C 46 -7.20 6.22 25.36
C GLY C 46 -5.84 6.48 25.98
N GLN C 47 -4.90 6.92 25.13
CA GLN C 47 -3.57 7.27 25.57
C GLN C 47 -3.19 8.63 24.99
N LEU C 48 -4.08 9.21 24.20
CA LEU C 48 -3.76 10.48 23.58
C LEU C 48 -3.39 11.56 24.59
N ASP C 49 -4.01 11.52 25.77
CA ASP C 49 -3.69 12.54 26.77
C ASP C 49 -2.35 12.31 27.45
N GLU C 50 -1.98 11.06 27.72
CA GLU C 50 -0.69 10.82 28.36
C GLU C 50 0.41 11.19 27.37
N LEU C 51 0.05 11.21 26.08
CA LEU C 51 0.96 11.61 25.01
C LEU C 51 1.08 13.10 25.11
N GLU C 52 -0.08 13.74 25.18
CA GLU C 52 -0.20 15.18 25.32
C GLU C 52 0.67 15.65 26.53
N LYS C 53 0.54 14.97 27.67
CA LYS C 53 1.29 15.32 28.87
C LYS C 53 2.78 15.14 28.66
N ALA C 54 3.20 13.94 28.26
CA ALA C 54 4.63 13.66 28.03
C ALA C 54 5.34 14.62 27.08
N ILE C 55 4.75 14.92 25.93
CA ILE C 55 5.41 15.84 25.00
C ILE C 55 5.53 17.26 25.52
N THR C 56 4.45 17.75 26.14
CA THR C 56 4.44 19.11 26.67
C THR C 56 5.28 19.23 27.96
N THR C 57 4.93 18.46 28.99
CA THR C 57 5.64 18.52 30.26
C THR C 57 7.05 17.93 30.25
N GLN C 58 7.35 17.07 29.29
CA GLN C 58 8.67 16.45 29.18
C GLN C 58 8.99 15.61 30.41
N ASN C 59 7.95 15.13 31.09
CA ASN C 59 8.10 14.32 32.30
C ASN C 59 8.52 12.88 31.94
N VAL C 60 9.75 12.53 32.28
CA VAL C 60 10.22 11.19 31.96
C VAL C 60 9.33 10.16 32.59
N ASN C 61 8.84 10.43 33.77
CA ASN C 61 8.03 9.39 34.36
C ASN C 61 6.54 9.51 34.10
N THR C 62 6.23 9.42 32.81
CA THR C 62 4.86 9.44 32.33
C THR C 62 4.57 7.96 32.03
N LYS C 63 3.31 7.62 31.82
CA LYS C 63 2.94 6.23 31.52
C LYS C 63 3.59 5.85 30.16
N CYS C 64 3.64 4.57 29.89
CA CYS C 64 4.19 4.12 28.66
C CYS C 64 3.06 4.29 27.68
N ILE C 65 3.32 5.07 26.63
CA ILE C 65 2.40 5.33 25.52
C ILE C 65 2.71 4.15 24.60
N THR C 66 1.76 3.28 24.42
CA THR C 66 1.97 2.08 23.68
C THR C 66 1.26 1.93 22.36
N ILE C 67 1.97 1.35 21.39
CA ILE C 67 1.47 1.05 20.05
C ILE C 67 1.79 -0.46 19.81
N PRO C 68 0.88 -1.22 19.16
CA PRO C 68 1.04 -2.65 18.88
C PRO C 68 2.23 -2.93 18.00
N ARG C 69 2.96 -3.99 18.27
CA ARG C 69 4.09 -4.28 17.39
C ARG C 69 3.65 -5.16 16.20
N SER C 70 4.49 -5.20 15.19
CA SER C 70 4.24 -5.94 13.99
C SER C 70 5.28 -7.05 13.88
N LEU C 71 5.05 -8.06 13.06
CA LEU C 71 6.01 -9.14 12.92
C LEU C 71 7.45 -8.64 12.80
N ASP C 72 7.73 -7.79 11.81
CA ASP C 72 9.09 -7.30 11.69
C ASP C 72 9.42 -6.15 12.65
N GLY C 73 8.38 -5.61 13.30
CA GLY C 73 8.56 -4.53 14.23
C GLY C 73 8.65 -3.15 13.61
N ARG C 74 8.44 -3.05 12.30
CA ARG C 74 8.49 -1.77 11.59
C ARG C 74 7.14 -1.11 11.53
N LEU C 75 7.13 0.19 11.23
CA LEU C 75 5.90 0.94 11.15
C LEU C 75 6.06 1.65 9.87
N GLN C 76 4.98 1.74 9.11
CA GLN C 76 5.01 2.42 7.85
C GLN C 76 4.12 3.62 7.94
N VAL C 77 4.64 4.76 7.52
CA VAL C 77 3.87 5.97 7.50
C VAL C 77 4.15 6.56 6.14
N SER C 78 3.09 6.86 5.42
CA SER C 78 3.20 7.46 4.09
C SER C 78 3.84 6.67 2.99
N HIS C 79 4.64 5.67 3.29
CA HIS C 79 5.35 4.86 2.30
C HIS C 79 6.58 4.30 3.01
N ARG C 80 6.79 4.74 4.23
CA ARG C 80 8.33 5.17 4.58
C ARG C 80 8.08 4.13 5.64
N LYS C 81 9.09 3.31 5.87
CA LYS C 81 9.04 2.25 6.88
C LYS C 81 10.04 2.66 7.95
N GLY C 82 9.79 2.29 9.20
CA GLY C 82 10.73 2.63 10.25
C GLY C 82 10.36 1.97 11.53
N LEU C 83 11.22 2.08 12.52
CA LEU C 83 10.98 1.51 13.84
C LEU C 83 10.15 2.53 14.61
N PRO C 84 9.08 2.09 15.28
CA PRO C 84 8.22 3.01 16.03
C PRO C 84 8.93 4.06 16.88
N HIS C 85 9.64 3.59 17.89
CA HIS C 85 10.31 4.47 18.78
C HIS C 85 11.36 5.38 18.15
N VAL C 86 11.89 5.03 16.99
CA VAL C 86 12.89 5.90 16.37
C VAL C 86 12.22 7.08 15.63
N ILE C 87 11.15 6.79 14.92
CA ILE C 87 10.40 7.80 14.18
C ILE C 87 9.89 8.90 15.15
N TYR C 88 9.47 8.51 16.36
CA TYR C 88 8.94 9.47 17.35
C TYR C 88 9.95 10.16 18.27
N CYS C 89 11.00 9.46 18.68
CA CYS C 89 12.01 10.13 19.48
C CYS C 89 12.64 11.19 18.55
N ARG C 90 12.85 10.84 17.28
CA ARG C 90 13.42 11.78 16.32
C ARG C 90 12.52 12.97 16.03
N LEU C 91 11.23 12.78 16.19
CA LEU C 91 10.26 13.83 15.92
C LEU C 91 10.17 14.90 17.02
N TRP C 92 10.22 14.52 18.28
CA TRP C 92 10.05 15.54 19.31
C TRP C 92 11.20 15.52 20.30
N ARG C 93 12.33 14.99 19.87
CA ARG C 93 13.49 14.96 20.75
C ARG C 93 14.79 15.20 19.97
N TRP C 94 15.24 14.19 19.24
CA TRP C 94 16.50 14.24 18.49
C TRP C 94 16.37 14.01 16.97
N PRO C 95 16.16 15.09 16.22
CA PRO C 95 16.02 15.05 14.76
C PRO C 95 17.27 14.48 14.07
N ASP C 96 18.34 14.40 14.84
CA ASP C 96 19.63 13.89 14.39
C ASP C 96 19.66 12.36 14.42
N LEU C 97 18.84 11.77 15.29
CA LEU C 97 18.78 10.33 15.50
C LEU C 97 19.00 9.50 14.25
N HIS C 98 20.12 8.78 14.19
CA HIS C 98 20.39 7.97 13.01
C HIS C 98 19.65 6.63 13.02
N SER C 99 19.85 5.83 14.07
CA SER C 99 19.22 4.52 14.15
C SER C 99 18.79 4.17 15.58
N HIS C 100 18.27 2.95 15.73
CA HIS C 100 17.82 2.48 17.03
C HIS C 100 18.94 2.00 17.93
N HIS C 101 20.18 2.39 17.61
CA HIS C 101 21.35 2.01 18.43
C HIS C 101 21.74 3.19 19.29
N GLU C 102 21.43 4.37 18.84
CA GLU C 102 21.77 5.54 19.60
C GLU C 102 20.70 5.74 20.68
N LEU C 103 19.93 4.70 20.93
CA LEU C 103 18.81 4.79 21.88
C LEU C 103 18.80 3.68 22.91
N ARG C 104 18.20 3.97 24.06
CA ARG C 104 18.10 2.97 25.11
C ARG C 104 17.08 3.40 26.14
N ALA C 105 16.23 2.44 26.52
CA ALA C 105 15.14 2.64 27.46
C ALA C 105 15.60 3.06 28.81
N MET C 106 14.66 3.31 29.70
CA MET C 106 14.98 3.75 31.05
C MET C 106 14.57 2.86 32.21
N GLU C 107 14.51 1.56 31.99
CA GLU C 107 14.14 0.64 33.07
C GLU C 107 12.69 0.79 33.48
N LEU C 108 12.14 1.98 33.29
CA LEU C 108 10.85 2.26 33.95
C LEU C 108 9.88 1.89 32.82
N CYS C 109 10.40 1.70 31.59
CA CYS C 109 9.54 1.32 30.44
C CYS C 109 9.49 -0.19 30.35
N GLU C 110 8.29 -0.75 30.56
CA GLU C 110 8.04 -2.18 30.52
C GLU C 110 8.08 -2.71 29.11
N PHE C 111 7.50 -1.94 28.20
CA PHE C 111 7.40 -2.30 26.77
C PHE C 111 8.46 -1.55 25.96
N ALA C 112 9.69 -1.51 26.44
CA ALA C 112 10.71 -0.75 25.76
C ALA C 112 11.29 -1.31 24.48
N PHE C 113 10.44 -1.81 23.60
CA PHE C 113 10.89 -2.35 22.31
C PHE C 113 11.83 -3.55 22.36
N ASN C 114 12.59 -3.68 23.46
CA ASN C 114 13.99 -4.45 23.11
C ASN C 114 13.45 -5.67 23.83
N MET C 115 12.29 -5.49 24.44
CA MET C 115 11.63 -6.53 25.19
C MET C 115 10.70 -7.36 24.32
N LYS C 116 10.76 -7.14 23.01
CA LYS C 116 9.94 -7.87 22.06
C LYS C 116 8.49 -8.18 22.49
N LYS C 117 7.88 -7.28 23.26
CA LYS C 117 6.50 -7.49 23.73
C LYS C 117 5.46 -7.26 22.63
N ASP C 118 4.18 -7.43 22.96
CA ASP C 118 3.07 -7.25 22.01
C ASP C 118 2.83 -5.78 21.72
N GLU C 119 3.22 -4.93 22.66
CA GLU C 119 3.05 -3.51 22.53
C GLU C 119 4.44 -2.90 22.51
N VAL C 120 4.56 -1.70 21.97
CA VAL C 120 5.84 -1.02 21.90
C VAL C 120 5.64 0.36 22.49
N CYS C 121 6.51 0.77 23.43
CA CYS C 121 6.40 2.09 24.05
C CYS C 121 7.03 3.11 23.13
N VAL C 122 6.22 4.01 22.60
CA VAL C 122 6.73 5.04 21.73
C VAL C 122 6.86 6.38 22.46
N ASN C 123 6.67 6.40 23.78
CA ASN C 123 6.79 7.63 24.58
C ASN C 123 8.27 8.12 24.39
N PRO C 124 8.49 9.25 23.67
CA PRO C 124 9.89 9.68 23.49
C PRO C 124 10.66 9.98 24.75
N TYR C 125 9.98 10.16 25.87
CA TYR C 125 10.72 10.45 27.11
C TYR C 125 11.09 9.25 27.95
N HIS C 126 10.99 8.04 27.39
CA HIS C 126 11.35 6.83 28.10
C HIS C 126 12.60 6.28 27.46
N TYR C 127 13.21 7.04 26.57
CA TYR C 127 14.44 6.61 25.91
C TYR C 127 15.44 7.71 26.09
N GLN C 128 16.69 7.30 26.12
CA GLN C 128 17.74 8.24 26.24
C GLN C 128 18.66 7.90 25.09
N ARG C 129 19.30 8.91 24.54
CA ARG C 129 20.20 8.78 23.42
C ARG C 129 21.60 8.47 23.90
N VAL C 130 22.15 7.34 23.48
CA VAL C 130 23.51 7.01 23.89
C VAL C 130 24.42 7.40 22.76
N GLU C 131 25.52 8.07 23.05
CA GLU C 131 26.48 8.45 22.02
C GLU C 131 27.46 7.31 21.79
N THR C 132 26.99 6.12 22.20
CA THR C 132 27.68 4.83 22.15
C THR C 132 28.90 4.73 23.09
N PRO D 10 10.92 -8.10 -23.62
CA PRO D 10 10.56 -9.53 -23.71
C PRO D 10 9.04 -9.61 -23.98
N ILE D 11 8.40 -10.66 -23.46
CA ILE D 11 6.97 -10.86 -23.61
C ILE D 11 6.20 -9.59 -23.33
N VAL D 12 6.57 -8.89 -22.25
CA VAL D 12 5.95 -7.62 -21.85
C VAL D 12 6.02 -6.59 -22.98
N LYS D 13 7.21 -6.28 -23.45
CA LYS D 13 7.35 -5.30 -24.54
C LYS D 13 6.53 -5.68 -25.75
N ARG D 14 6.48 -6.99 -26.02
CA ARG D 14 5.71 -7.49 -27.17
C ARG D 14 4.21 -7.26 -26.93
N LEU D 15 3.66 -7.85 -25.86
CA LEU D 15 2.23 -7.70 -25.52
C LEU D 15 1.82 -6.25 -25.47
N LEU D 16 2.71 -5.40 -24.99
CA LEU D 16 2.44 -3.97 -24.92
C LEU D 16 2.28 -3.46 -26.33
N GLY D 17 3.08 -4.02 -27.25
CA GLY D 17 3.03 -3.64 -28.64
C GLY D 17 1.60 -3.57 -29.16
N TRP D 18 0.77 -4.53 -28.77
CA TRP D 18 -0.62 -4.52 -29.20
C TRP D 18 -1.42 -3.57 -28.31
N LYS D 19 -1.22 -2.28 -28.55
CA LYS D 19 -1.83 -1.19 -27.83
C LYS D 19 -1.12 -0.90 -26.49
N LYS D 20 0.05 -0.27 -26.62
CA LYS D 20 0.92 0.10 -25.51
C LYS D 20 0.18 0.71 -24.33
N GLY D 21 -0.50 1.82 -24.56
CA GLY D 21 -1.24 2.48 -23.49
C GLY D 21 -1.61 3.90 -23.83
N GLU D 22 -2.92 4.15 -23.93
CA GLU D 22 -3.43 5.49 -24.25
C GLU D 22 -3.72 6.32 -23.01
N GLN D 23 -3.31 7.59 -23.10
CA GLN D 23 -3.43 8.66 -22.11
C GLN D 23 -2.02 9.25 -22.12
N ASN D 24 -1.99 10.57 -22.18
CA ASN D 24 -0.58 11.13 -22.07
C ASN D 24 0.09 11.18 -20.71
N GLY D 25 1.28 10.58 -20.63
CA GLY D 25 2.04 10.63 -19.40
C GLY D 25 2.38 9.36 -18.65
N GLN D 26 2.16 9.43 -17.34
CA GLN D 26 2.43 8.32 -16.42
C GLN D 26 1.60 7.12 -16.84
N GLU D 27 0.72 7.33 -17.81
CA GLU D 27 -0.12 6.26 -18.32
C GLU D 27 0.65 5.17 -19.06
N GLU D 28 1.53 5.53 -19.99
CA GLU D 28 2.29 4.50 -20.69
C GLU D 28 3.10 3.65 -19.72
N LYS D 29 3.63 4.29 -18.69
CA LYS D 29 4.43 3.62 -17.65
C LYS D 29 3.52 2.71 -16.83
N TRP D 30 2.34 3.22 -16.47
CA TRP D 30 1.36 2.43 -15.74
C TRP D 30 0.84 1.23 -16.53
N CYS D 31 0.64 1.39 -17.85
CA CYS D 31 0.17 0.31 -18.71
C CYS D 31 1.20 -0.81 -18.74
N GLU D 32 2.45 -0.41 -18.63
CA GLU D 32 3.56 -1.31 -18.60
C GLU D 32 3.53 -2.09 -17.29
N LYS D 33 3.26 -1.37 -16.20
CA LYS D 33 3.19 -2.00 -14.90
C LYS D 33 2.04 -2.98 -14.90
N ALA D 34 0.93 -2.56 -15.49
CA ALA D 34 -0.26 -3.41 -15.55
C ALA D 34 -0.02 -4.70 -16.35
N VAL D 35 0.85 -4.63 -17.35
CA VAL D 35 1.08 -5.81 -18.13
C VAL D 35 2.00 -6.69 -17.35
N LYS D 36 2.91 -6.05 -16.62
CA LYS D 36 3.87 -6.78 -15.79
C LYS D 36 3.19 -7.63 -14.75
N SER D 37 2.16 -7.10 -14.07
CA SER D 37 1.44 -7.88 -13.06
C SER D 37 0.83 -9.10 -13.71
N LEU D 38 0.11 -8.88 -14.80
CA LEU D 38 -0.56 -9.98 -15.46
C LEU D 38 0.44 -11.04 -15.83
N VAL D 39 1.53 -10.65 -16.49
CA VAL D 39 2.54 -11.61 -16.92
C VAL D 39 3.18 -12.39 -15.76
N LYS D 40 3.47 -11.70 -14.67
CA LYS D 40 4.08 -12.39 -13.55
C LYS D 40 3.17 -13.48 -13.03
N LYS D 41 1.88 -13.18 -12.93
CA LYS D 41 0.90 -14.12 -12.40
C LYS D 41 0.68 -15.31 -13.35
N LEU D 42 0.57 -15.01 -14.64
CA LEU D 42 0.35 -16.05 -15.66
C LEU D 42 1.51 -17.00 -15.73
N LYS D 43 2.75 -16.51 -15.63
CA LYS D 43 3.92 -17.40 -15.66
C LYS D 43 3.72 -18.47 -14.59
N LYS D 44 3.45 -18.02 -13.37
CA LYS D 44 3.23 -18.93 -12.25
C LYS D 44 2.20 -20.05 -12.52
N THR D 45 1.20 -19.76 -13.36
CA THR D 45 0.17 -20.74 -13.68
C THR D 45 0.22 -21.27 -15.11
N GLY D 46 1.25 -20.87 -15.87
CA GLY D 46 1.38 -21.34 -17.24
C GLY D 46 0.22 -20.99 -18.16
N GLN D 47 -0.06 -19.71 -18.32
CA GLN D 47 -1.11 -19.25 -19.22
C GLN D 47 -0.57 -18.10 -20.07
N LEU D 48 0.71 -17.75 -19.88
CA LEU D 48 1.27 -16.64 -20.61
C LEU D 48 1.15 -16.84 -22.12
N ASP D 49 1.25 -18.08 -22.57
CA ASP D 49 1.14 -18.32 -24.00
C ASP D 49 -0.29 -18.24 -24.52
N GLU D 50 -1.28 -18.67 -23.75
CA GLU D 50 -2.67 -18.57 -24.21
C GLU D 50 -3.06 -17.10 -24.24
N LEU D 51 -2.32 -16.29 -23.48
CA LEU D 51 -2.52 -14.84 -23.44
C LEU D 51 -1.94 -14.32 -24.76
N GLU D 52 -0.71 -14.76 -25.06
CA GLU D 52 0.02 -14.38 -26.26
C GLU D 52 -0.81 -14.70 -27.51
N LYS D 53 -1.37 -15.91 -27.56
CA LYS D 53 -2.21 -16.30 -28.68
C LYS D 53 -3.42 -15.39 -28.82
N ALA D 54 -4.21 -15.27 -27.75
CA ALA D 54 -5.41 -14.47 -27.75
C ALA D 54 -5.20 -13.02 -28.16
N ILE D 55 -4.18 -12.35 -27.63
CA ILE D 55 -3.95 -10.95 -28.00
C ILE D 55 -3.57 -10.81 -29.45
N THR D 56 -2.69 -11.67 -29.92
CA THR D 56 -2.26 -11.60 -31.31
C THR D 56 -3.27 -12.12 -32.35
N THR D 57 -3.69 -13.37 -32.22
CA THR D 57 -4.67 -13.95 -33.14
C THR D 57 -6.10 -13.42 -32.99
N GLN D 58 -6.40 -12.81 -31.84
CA GLN D 58 -7.72 -12.23 -31.56
C GLN D 58 -8.85 -13.26 -31.63
N ASN D 59 -8.48 -14.50 -31.40
CA ASN D 59 -9.41 -15.62 -31.45
C ASN D 59 -10.28 -15.65 -30.21
N VAL D 60 -11.55 -15.33 -30.39
CA VAL D 60 -12.47 -15.32 -29.28
C VAL D 60 -12.50 -16.65 -28.57
N ASN D 61 -12.37 -17.73 -29.31
CA ASN D 61 -12.42 -18.99 -28.60
C ASN D 61 -11.09 -19.53 -28.16
N THR D 62 -10.44 -18.77 -27.30
CA THR D 62 -9.18 -19.16 -26.70
C THR D 62 -9.56 -19.62 -25.29
N LYS D 63 -8.64 -20.27 -24.58
CA LYS D 63 -8.94 -20.73 -23.23
C LYS D 63 -9.13 -19.49 -22.35
N CYS D 64 -9.72 -19.69 -21.17
CA CYS D 64 -9.94 -18.60 -20.24
C CYS D 64 -8.60 -18.33 -19.53
N ILE D 65 -8.10 -17.10 -19.74
CA ILE D 65 -6.84 -16.68 -19.13
C ILE D 65 -7.37 -16.24 -17.78
N THR D 66 -6.94 -16.93 -16.74
CA THR D 66 -7.45 -16.65 -15.42
C THR D 66 -6.50 -16.07 -14.35
N ILE D 67 -7.03 -15.14 -13.55
CA ILE D 67 -6.33 -14.46 -12.46
C ILE D 67 -7.25 -14.61 -11.23
N PRO D 68 -6.68 -14.87 -10.04
CA PRO D 68 -7.42 -15.05 -8.78
C PRO D 68 -8.19 -13.83 -8.35
N ARG D 69 -9.42 -14.00 -7.87
CA ARG D 69 -10.16 -12.82 -7.43
C ARG D 69 -9.84 -12.45 -5.99
N SER D 70 -10.27 -11.25 -5.62
CA SER D 70 -10.03 -10.74 -4.31
C SER D 70 -11.38 -10.52 -3.66
N LEU D 71 -11.44 -10.40 -2.32
CA LEU D 71 -12.71 -10.18 -1.63
C LEU D 71 -13.55 -9.14 -2.34
N ASP D 72 -13.05 -7.92 -2.51
CA ASP D 72 -13.84 -6.92 -3.21
C ASP D 72 -13.85 -7.06 -4.72
N GLY D 73 -12.95 -7.89 -5.23
CA GLY D 73 -12.88 -8.10 -6.66
C GLY D 73 -12.08 -7.09 -7.44
N ARG D 74 -11.41 -6.17 -6.76
CA ARG D 74 -10.58 -5.19 -7.45
C ARG D 74 -9.12 -5.64 -7.57
N LEU D 75 -8.38 -5.00 -8.45
CA LEU D 75 -6.97 -5.32 -8.67
C LEU D 75 -6.30 -3.97 -8.55
N GLN D 76 -5.15 -3.94 -7.93
CA GLN D 76 -4.44 -2.71 -7.79
C GLN D 76 -3.18 -2.82 -8.59
N VAL D 77 -2.90 -1.83 -9.43
CA VAL D 77 -1.64 -1.81 -10.17
C VAL D 77 -1.14 -0.42 -9.96
N SER D 78 0.13 -0.30 -9.61
CA SER D 78 0.75 0.99 -9.39
C SER D 78 0.19 1.95 -8.34
N HIS D 79 -0.94 1.85 -7.98
CA HIS D 79 -1.67 2.84 -7.14
C HIS D 79 -3.12 2.75 -7.35
N ARG D 80 -3.45 2.12 -8.37
CA ARG D 80 -4.66 2.51 -9.15
C ARG D 80 -5.34 1.22 -8.85
N LYS D 81 -6.61 1.32 -8.52
CA LYS D 81 -7.42 0.17 -8.17
C LYS D 81 -8.47 0.01 -9.28
N GLY D 82 -8.82 -1.23 -9.62
CA GLY D 82 -9.79 -1.47 -10.68
C GLY D 82 -10.24 -2.91 -10.83
N LEU D 83 -11.20 -3.12 -11.70
CA LEU D 83 -11.71 -4.46 -11.93
C LEU D 83 -10.77 -5.13 -12.96
N PRO D 84 -10.32 -6.38 -12.69
CA PRO D 84 -9.40 -7.08 -13.59
C PRO D 84 -9.77 -6.97 -15.05
N HIS D 85 -10.91 -7.52 -15.39
CA HIS D 85 -11.37 -7.53 -16.76
C HIS D 85 -11.54 -6.18 -17.43
N VAL D 86 -11.84 -5.12 -16.67
CA VAL D 86 -11.98 -3.80 -17.27
C VAL D 86 -10.61 -3.21 -17.61
N ILE D 87 -9.64 -3.41 -16.72
CA ILE D 87 -8.29 -2.90 -16.91
C ILE D 87 -7.71 -3.47 -18.23
N TYR D 88 -7.88 -4.77 -18.44
CA TYR D 88 -7.34 -5.41 -19.65
C TYR D 88 -8.15 -5.30 -20.95
N CYS D 89 -9.48 -5.31 -20.88
CA CYS D 89 -10.27 -5.12 -22.11
C CYS D 89 -9.99 -3.71 -22.61
N ARG D 90 -9.80 -2.78 -21.69
CA ARG D 90 -9.52 -1.41 -22.05
C ARG D 90 -8.11 -1.26 -22.63
N LEU D 91 -7.21 -2.16 -22.23
CA LEU D 91 -5.83 -2.11 -22.70
C LEU D 91 -5.66 -2.63 -24.12
N TRP D 92 -6.29 -3.76 -24.42
CA TRP D 92 -6.13 -4.41 -25.70
C TRP D 92 -7.34 -4.44 -26.61
N ARG D 93 -8.37 -3.69 -26.27
CA ARG D 93 -9.59 -3.66 -27.09
C ARG D 93 -10.28 -2.30 -27.13
N TRP D 94 -10.79 -1.86 -25.99
CA TRP D 94 -11.50 -0.60 -25.91
C TRP D 94 -10.98 0.43 -24.92
N PRO D 95 -10.07 1.28 -25.36
CA PRO D 95 -9.51 2.32 -24.49
C PRO D 95 -10.55 3.31 -23.99
N ASP D 96 -11.72 3.27 -24.61
CA ASP D 96 -12.85 4.14 -24.32
C ASP D 96 -13.63 3.56 -23.11
N LEU D 97 -13.53 2.26 -22.90
CA LEU D 97 -14.25 1.57 -21.84
C LEU D 97 -14.45 2.38 -20.56
N HIS D 98 -15.69 2.74 -20.24
CA HIS D 98 -15.93 3.51 -19.03
C HIS D 98 -16.02 2.63 -17.77
N SER D 99 -16.90 1.63 -17.78
CA SER D 99 -17.07 0.77 -16.62
C SER D 99 -17.35 -0.67 -16.99
N HIS D 100 -17.61 -1.48 -15.98
CA HIS D 100 -17.90 -2.90 -16.15
C HIS D 100 -19.33 -3.16 -16.55
N HIS D 101 -20.02 -2.10 -16.94
CA HIS D 101 -21.39 -2.23 -17.39
C HIS D 101 -21.41 -2.29 -18.88
N GLU D 102 -20.39 -1.70 -19.51
CA GLU D 102 -20.31 -1.69 -20.95
C GLU D 102 -19.76 -3.05 -21.40
N LEU D 103 -19.76 -4.03 -20.52
CA LEU D 103 -19.17 -5.30 -20.85
C LEU D 103 -20.05 -6.49 -20.54
N ARG D 104 -19.84 -7.57 -21.28
CA ARG D 104 -20.58 -8.76 -21.03
C ARG D 104 -19.85 -9.97 -21.61
N ALA D 105 -19.74 -11.04 -20.83
CA ALA D 105 -19.06 -12.27 -21.25
C ALA D 105 -19.70 -12.96 -22.43
N MET D 106 -19.12 -14.07 -22.86
CA MET D 106 -19.66 -14.74 -24.02
C MET D 106 -20.15 -16.16 -23.84
N GLU D 107 -20.70 -16.47 -22.67
CA GLU D 107 -21.19 -17.83 -22.42
C GLU D 107 -20.07 -18.86 -22.40
N LEU D 108 -18.98 -18.61 -23.12
CA LEU D 108 -18.02 -19.71 -23.36
C LEU D 108 -17.04 -19.47 -22.23
N CYS D 109 -17.16 -18.34 -21.52
CA CYS D 109 -16.27 -18.02 -20.38
C CYS D 109 -16.91 -18.56 -19.09
N GLU D 110 -16.24 -19.54 -18.49
CA GLU D 110 -16.74 -20.14 -17.24
C GLU D 110 -16.58 -19.22 -16.04
N PHE D 111 -15.42 -18.58 -15.97
CA PHE D 111 -15.07 -17.66 -14.89
C PHE D 111 -15.29 -16.20 -15.29
N ALA D 112 -16.40 -15.91 -15.95
CA ALA D 112 -16.64 -14.57 -16.43
C ALA D 112 -16.90 -13.45 -15.45
N PHE D 113 -16.20 -13.44 -14.32
CA PHE D 113 -16.36 -12.38 -13.31
C PHE D 113 -17.74 -12.33 -12.64
N ASN D 114 -18.79 -12.77 -13.33
CA ASN D 114 -20.17 -12.04 -12.87
C ASN D 114 -20.55 -13.34 -12.16
N MET D 115 -19.76 -14.36 -12.38
CA MET D 115 -20.03 -15.63 -11.77
C MET D 115 -19.42 -15.74 -10.39
N LYS D 116 -18.85 -14.66 -9.90
CA LYS D 116 -18.22 -14.64 -8.57
C LYS D 116 -17.34 -15.83 -8.21
N LYS D 117 -16.63 -16.40 -9.18
CA LYS D 117 -15.78 -17.57 -8.91
C LYS D 117 -14.51 -17.18 -8.21
N ASP D 118 -13.65 -18.16 -7.93
CA ASP D 118 -12.36 -17.92 -7.28
C ASP D 118 -11.30 -17.39 -8.26
N GLU D 119 -11.54 -17.57 -9.55
CA GLU D 119 -10.64 -17.11 -10.56
C GLU D 119 -11.45 -16.16 -11.38
N VAL D 120 -10.78 -15.30 -12.13
CA VAL D 120 -11.48 -14.34 -12.97
C VAL D 120 -10.81 -14.38 -14.33
N CYS D 121 -11.63 -14.48 -15.37
CA CYS D 121 -11.14 -14.53 -16.73
C CYS D 121 -10.86 -13.12 -17.18
N VAL D 122 -9.60 -12.80 -17.42
CA VAL D 122 -9.24 -11.48 -17.91
C VAL D 122 -8.90 -11.51 -19.41
N ASN D 123 -9.12 -12.65 -20.09
CA ASN D 123 -8.87 -12.76 -21.54
C ASN D 123 -9.78 -11.72 -22.20
N PRO D 124 -9.20 -10.64 -22.79
CA PRO D 124 -10.03 -9.60 -23.44
C PRO D 124 -10.98 -10.02 -24.52
N TYR D 125 -10.73 -11.17 -25.12
CA TYR D 125 -11.59 -11.65 -26.19
C TYR D 125 -12.78 -12.50 -25.75
N HIS D 126 -13.06 -12.53 -24.44
CA HIS D 126 -14.20 -13.29 -23.93
C HIS D 126 -15.31 -12.34 -23.49
N TYR D 127 -15.12 -11.06 -23.78
CA TYR D 127 -16.10 -10.09 -23.40
C TYR D 127 -16.42 -9.27 -24.64
N GLN D 128 -17.65 -8.79 -24.68
CA GLN D 128 -18.07 -7.98 -25.77
C GLN D 128 -18.59 -6.74 -25.10
N ARG D 129 -18.44 -5.62 -25.79
CA ARG D 129 -18.87 -4.36 -25.28
C ARG D 129 -20.30 -4.06 -25.68
N VAL D 130 -21.18 -3.88 -24.69
CA VAL D 130 -22.58 -3.57 -24.96
C VAL D 130 -22.73 -2.05 -24.87
N GLU D 131 -23.39 -1.46 -25.85
CA GLU D 131 -23.62 -0.02 -25.86
C GLU D 131 -24.88 0.24 -25.07
N THR D 132 -25.18 -0.72 -24.19
CA THR D 132 -26.33 -0.78 -23.29
C THR D 132 -27.68 -0.86 -24.01
#